data_5URO
#
_entry.id   5URO
#
_cell.length_a   51.427
_cell.length_b   78.281
_cell.length_c   87.372
_cell.angle_alpha   90.000
_cell.angle_beta   90.000
_cell.angle_gamma   90.000
#
_symmetry.space_group_name_H-M   'P 2 21 21'
#
loop_
_entity.id
_entity.type
_entity.pdbx_description
1 polymer 'Predicted protein'
2 non-polymer "2,2'-oxydi(ethyn-1-ol)"
3 water water
#
_entity_poly.entity_id   1
_entity_poly.type   'polypeptide(L)'
_entity_poly.pdbx_seq_one_letter_code
;MDTSKLKPNDPRVKYETKQIRGKTYSYILGEPAGPKLETVVLVHGWPDMAFGWRHQIPYLMSLGFQVVAPNMLGYAGTDA
PRDLSQFTLKSVSADIAELARSFVGQDGQIVLGGHDWGGAVVWRTAYYHPELVKAVFSVCTPLHPLSAEYKPLEDIVAAG
HMLNFKYQLQLKGPDVEARIQGKDMLRRFFRAMFGGRGPNGEAGFSTSDGVHFDVLDKIGAPPLLDEQELEYYVEQYALQ
EAPELRGPLNWYRTRELNAKDEMDRAKNGPPLRFEMPALFVAASKDNALPPAMSKGMDAFYKDLTRAEVDATHWALTQAG
DEVNRVIGEWLNKALG
;
_entity_poly.pdbx_strand_id   A
#
loop_
_chem_comp.id
_chem_comp.type
_chem_comp.name
_chem_comp.formula
8LD non-polymer 2,2'-oxydi(ethyn-1-ol) 'C4 H2 O3'
#
# COMPACT_ATOMS: atom_id res chain seq x y z
N MET A 1 27.14 -7.48 1.33
CA MET A 1 25.91 -6.70 1.49
C MET A 1 25.00 -7.28 2.58
N ASP A 2 24.73 -6.46 3.59
CA ASP A 2 23.79 -6.79 4.66
C ASP A 2 22.35 -6.80 4.11
N THR A 3 21.71 -7.96 4.11
CA THR A 3 20.37 -8.07 3.54
C THR A 3 19.27 -8.17 4.59
N SER A 4 19.62 -7.97 5.86
CA SER A 4 18.62 -8.01 6.92
C SER A 4 17.70 -6.80 6.80
N LYS A 5 16.54 -6.87 7.45
CA LYS A 5 15.54 -5.81 7.33
C LYS A 5 16.10 -4.45 7.73
N LEU A 6 15.55 -3.39 7.12
CA LEU A 6 15.86 -2.04 7.55
C LEU A 6 15.48 -1.85 9.01
N LYS A 7 16.35 -1.18 9.76
CA LYS A 7 15.99 -0.72 11.08
C LYS A 7 15.53 0.73 10.96
N PRO A 8 14.86 1.28 11.99
CA PRO A 8 14.50 2.70 11.95
C PRO A 8 15.71 3.60 11.66
N ASN A 9 15.57 4.53 10.72
CA ASN A 9 16.66 5.42 10.31
C ASN A 9 17.92 4.71 9.80
N ASP A 10 17.73 3.50 9.28
CA ASP A 10 18.79 2.68 8.74
C ASP A 10 19.69 3.48 7.80
N PRO A 11 21.01 3.42 8.01
CA PRO A 11 21.95 4.17 7.16
C PRO A 11 22.26 3.52 5.81
N ARG A 12 21.78 2.32 5.55
CA ARG A 12 22.04 1.68 4.26
C ARG A 12 21.23 2.30 3.11
N VAL A 13 20.27 3.16 3.45
CA VAL A 13 19.42 3.79 2.43
C VAL A 13 19.39 5.30 2.64
N LYS A 14 18.85 6.01 1.66
CA LYS A 14 18.76 7.47 1.72
C LYS A 14 17.31 7.91 1.89
N TYR A 15 17.14 9.07 2.51
CA TYR A 15 15.81 9.62 2.80
C TYR A 15 15.70 10.95 2.11
N GLU A 16 14.97 10.98 1.00
CA GLU A 16 14.93 12.16 0.15
C GLU A 16 13.52 12.63 -0.11
N THR A 17 13.41 13.84 -0.66
CA THR A 17 12.16 14.33 -1.22
C THR A 17 12.38 14.89 -2.61
N LYS A 18 11.29 14.93 -3.37
CA LYS A 18 11.19 15.60 -4.66
C LYS A 18 9.82 16.26 -4.77
N GLN A 19 9.75 17.36 -5.52
CA GLN A 19 8.47 17.88 -5.93
C GLN A 19 7.90 17.02 -7.06
N ILE A 20 6.67 16.55 -6.88
CA ILE A 20 6.02 15.67 -7.85
C ILE A 20 4.58 16.14 -8.05
N ARG A 21 4.27 16.60 -9.25
CA ARG A 21 2.92 17.09 -9.59
C ARG A 21 2.31 18.01 -8.52
N GLY A 22 3.11 18.97 -8.05
CA GLY A 22 2.63 19.99 -7.12
C GLY A 22 2.73 19.66 -5.63
N LYS A 23 3.26 18.47 -5.31
CA LYS A 23 3.38 17.97 -3.93
C LYS A 23 4.81 17.65 -3.59
N THR A 24 5.18 17.84 -2.33
CA THR A 24 6.41 17.27 -1.82
C THR A 24 6.20 15.78 -1.56
N TYR A 25 6.96 14.94 -2.25
CA TYR A 25 6.93 13.50 -1.98
C TYR A 25 8.21 13.07 -1.28
N SER A 26 8.06 12.40 -0.15
CA SER A 26 9.22 11.84 0.54
C SER A 26 9.33 10.38 0.20
N TYR A 27 10.56 9.85 0.21
CA TYR A 27 10.77 8.46 -0.14
C TYR A 27 12.08 7.90 0.40
N ILE A 28 12.11 6.58 0.51
CA ILE A 28 13.32 5.84 0.78
C ILE A 28 13.94 5.47 -0.55
N LEU A 29 15.25 5.71 -0.69
CA LEU A 29 15.98 5.37 -1.90
C LEU A 29 17.11 4.39 -1.57
N GLY A 30 17.06 3.19 -2.14
CA GLY A 30 18.11 2.21 -1.95
C GLY A 30 18.85 1.90 -3.26
N GLU A 31 20.18 1.93 -3.22
CA GLU A 31 21.02 1.67 -4.38
C GLU A 31 21.59 0.24 -4.37
N PRO A 32 21.69 -0.38 -5.55
CA PRO A 32 22.28 -1.71 -5.60
C PRO A 32 23.80 -1.65 -5.46
N ALA A 33 24.43 -2.77 -5.16
CA ALA A 33 25.88 -2.87 -5.25
C ALA A 33 26.23 -3.23 -6.68
N GLY A 34 26.91 -2.32 -7.37
CA GLY A 34 27.21 -2.52 -8.77
C GLY A 34 26.15 -1.90 -9.63
N PRO A 35 26.20 -2.14 -10.94
CA PRO A 35 25.30 -1.51 -11.91
C PRO A 35 23.87 -2.04 -11.79
N LYS A 36 22.90 -1.13 -11.78
CA LYS A 36 21.51 -1.50 -11.52
C LYS A 36 20.92 -2.31 -12.67
N LEU A 37 20.15 -3.34 -12.33
CA LEU A 37 19.41 -4.11 -13.32
C LEU A 37 18.17 -3.34 -13.77
N GLU A 38 17.36 -2.96 -12.79
CA GLU A 38 16.16 -2.15 -13.01
C GLU A 38 15.97 -1.23 -11.80
N THR A 39 15.03 -0.29 -11.93
CA THR A 39 14.50 0.44 -10.78
C THR A 39 13.15 -0.14 -10.38
N VAL A 40 12.98 -0.44 -9.09
CA VAL A 40 11.72 -0.95 -8.53
C VAL A 40 11.06 0.13 -7.68
N VAL A 41 9.79 0.42 -7.97
CA VAL A 41 9.04 1.36 -7.13
C VAL A 41 8.07 0.56 -6.28
N LEU A 42 8.12 0.77 -4.96
CA LEU A 42 7.27 0.01 -4.02
C LEU A 42 6.26 0.94 -3.35
N VAL A 43 5.00 0.50 -3.28
CA VAL A 43 3.88 1.35 -2.83
C VAL A 43 3.10 0.73 -1.69
N HIS A 44 3.28 1.27 -0.48
CA HIS A 44 2.56 0.80 0.73
C HIS A 44 1.08 1.16 0.75
N GLY A 45 0.39 0.64 1.75
CA GLY A 45 -1.01 0.96 1.98
C GLY A 45 -1.30 1.55 3.37
N TRP A 46 -2.49 1.28 3.89
CA TRP A 46 -2.95 1.89 5.14
C TRP A 46 -2.97 0.86 6.27
N PRO A 47 -2.55 1.25 7.48
CA PRO A 47 -1.88 2.48 7.89
C PRO A 47 -0.40 2.17 8.00
N ASP A 48 0.26 2.14 6.84
CA ASP A 48 1.66 1.76 6.73
C ASP A 48 2.48 3.00 6.26
N MET A 49 3.67 2.75 5.74
CA MET A 49 4.51 3.80 5.15
C MET A 49 5.64 3.10 4.40
N ALA A 50 6.58 3.86 3.84
CA ALA A 50 7.65 3.27 3.05
C ALA A 50 8.40 2.20 3.84
N PHE A 51 8.60 2.47 5.12
CA PHE A 51 9.26 1.57 6.07
C PHE A 51 8.56 0.21 6.17
N GLY A 52 7.29 0.16 5.77
CA GLY A 52 6.57 -1.10 5.62
C GLY A 52 7.25 -2.12 4.72
N TRP A 53 8.12 -1.63 3.83
CA TRP A 53 8.85 -2.52 2.92
C TRP A 53 10.26 -2.85 3.45
N ARG A 54 10.47 -2.68 4.76
CA ARG A 54 11.81 -2.84 5.33
C ARG A 54 12.46 -4.22 5.08
N HIS A 55 11.67 -5.28 4.95
CA HIS A 55 12.23 -6.57 4.59
C HIS A 55 12.63 -6.62 3.11
N GLN A 56 11.83 -6.00 2.26
CA GLN A 56 12.00 -6.12 0.81
C GLN A 56 13.07 -5.21 0.24
N ILE A 57 13.22 -4.01 0.80
CA ILE A 57 14.13 -3.01 0.22
C ILE A 57 15.60 -3.50 0.16
N PRO A 58 16.18 -3.94 1.30
CA PRO A 58 17.58 -4.39 1.21
C PRO A 58 17.75 -5.66 0.40
N TYR A 59 16.75 -6.54 0.42
CA TYR A 59 16.78 -7.76 -0.37
C TYR A 59 16.84 -7.42 -1.85
N LEU A 60 15.96 -6.53 -2.31
CA LEU A 60 15.96 -6.14 -3.71
C LEU A 60 17.24 -5.40 -4.10
N MET A 61 17.75 -4.60 -3.17
CA MET A 61 19.03 -3.92 -3.40
C MET A 61 20.15 -4.91 -3.67
N SER A 62 20.20 -5.98 -2.86
CA SER A 62 21.22 -7.02 -3.00
C SER A 62 21.03 -7.86 -4.27
N LEU A 63 19.86 -7.78 -4.88
CA LEU A 63 19.60 -8.49 -6.13
C LEU A 63 20.02 -7.64 -7.32
N GLY A 64 20.45 -6.42 -7.04
CA GLY A 64 20.92 -5.51 -8.08
C GLY A 64 19.92 -4.45 -8.51
N PHE A 65 18.86 -4.24 -7.73
CA PHE A 65 17.85 -3.25 -8.08
C PHE A 65 18.01 -1.92 -7.33
N GLN A 66 17.77 -0.82 -8.04
CA GLN A 66 17.56 0.44 -7.36
C GLN A 66 16.14 0.41 -6.86
N VAL A 67 15.93 0.83 -5.62
CA VAL A 67 14.61 0.78 -5.01
C VAL A 67 14.14 2.14 -4.56
N VAL A 68 12.94 2.52 -5.00
CA VAL A 68 12.32 3.78 -4.61
C VAL A 68 11.03 3.45 -3.89
N ALA A 69 10.94 3.77 -2.60
CA ALA A 69 9.73 3.47 -1.85
C ALA A 69 9.17 4.75 -1.26
N PRO A 70 8.15 5.33 -1.91
CA PRO A 70 7.58 6.58 -1.43
C PRO A 70 6.70 6.41 -0.21
N ASN A 71 6.74 7.40 0.67
CA ASN A 71 5.62 7.59 1.57
C ASN A 71 4.51 8.19 0.71
N MET A 72 3.38 7.49 0.62
CA MET A 72 2.37 7.91 -0.33
C MET A 72 1.66 9.18 0.12
N LEU A 73 0.85 9.75 -0.76
CA LEU A 73 0.17 11.01 -0.45
C LEU A 73 -0.58 10.88 0.89
N GLY A 74 -0.29 11.79 1.80
CA GLY A 74 -0.95 11.83 3.10
C GLY A 74 -0.15 11.24 4.24
N TYR A 75 0.98 10.61 3.92
CA TYR A 75 1.75 9.84 4.90
C TYR A 75 3.11 10.41 5.23
N ALA A 76 3.46 10.39 6.51
CA ALA A 76 4.81 10.71 6.96
C ALA A 76 5.35 12.01 6.38
N GLY A 77 6.51 11.95 5.73
CA GLY A 77 7.13 13.14 5.17
C GLY A 77 6.51 13.70 3.89
N THR A 78 5.45 13.06 3.40
CA THR A 78 4.82 13.50 2.15
C THR A 78 3.62 14.42 2.41
N ASP A 79 3.37 15.36 1.50
CA ASP A 79 2.25 16.29 1.63
C ASP A 79 0.91 15.58 1.76
N ALA A 80 -0.01 16.20 2.48
CA ALA A 80 -1.40 15.77 2.53
C ALA A 80 -2.33 16.90 2.08
N PRO A 81 -2.59 16.99 0.77
CA PRO A 81 -3.46 18.05 0.25
C PRO A 81 -4.89 17.99 0.77
N ARG A 82 -5.51 19.16 0.81
CA ARG A 82 -6.91 19.30 1.22
C ARG A 82 -7.87 18.65 0.22
N ASP A 83 -7.51 18.73 -1.05
CA ASP A 83 -8.38 18.31 -2.13
C ASP A 83 -8.40 16.78 -2.30
N LEU A 84 -9.59 16.18 -2.17
CA LEU A 84 -9.74 14.74 -2.30
C LEU A 84 -9.43 14.22 -3.69
N SER A 85 -9.56 15.09 -4.69
CA SER A 85 -9.27 14.66 -6.05
C SER A 85 -7.80 14.29 -6.21
N GLN A 86 -6.93 14.79 -5.32
CA GLN A 86 -5.53 14.40 -5.35
C GLN A 86 -5.31 12.97 -4.88
N PHE A 87 -6.29 12.41 -4.16
CA PHE A 87 -6.12 11.07 -3.60
C PHE A 87 -6.70 9.95 -4.45
N THR A 88 -7.25 10.28 -5.63
CA THR A 88 -7.80 9.24 -6.50
C THR A 88 -6.70 8.30 -7.00
N LEU A 89 -7.09 7.10 -7.40
CA LEU A 89 -6.13 6.14 -7.91
C LEU A 89 -5.47 6.69 -9.16
N LYS A 90 -6.24 7.39 -9.99
CA LYS A 90 -5.66 7.97 -11.21
C LYS A 90 -4.65 9.08 -10.91
N SER A 91 -4.97 9.97 -9.96
CA SER A 91 -4.02 11.05 -9.67
C SER A 91 -2.77 10.49 -9.03
N VAL A 92 -2.93 9.55 -8.10
CA VAL A 92 -1.77 8.97 -7.46
C VAL A 92 -0.94 8.11 -8.45
N SER A 93 -1.59 7.44 -9.39
CA SER A 93 -0.88 6.69 -10.44
C SER A 93 -0.02 7.66 -11.24
N ALA A 94 -0.55 8.86 -11.48
CA ALA A 94 0.21 9.85 -12.26
C ALA A 94 1.38 10.38 -11.45
N ASP A 95 1.22 10.51 -10.13
CA ASP A 95 2.32 10.84 -9.22
C ASP A 95 3.42 9.80 -9.31
N ILE A 96 3.04 8.53 -9.20
CA ILE A 96 3.98 7.43 -9.31
C ILE A 96 4.73 7.47 -10.66
N ALA A 97 4.01 7.73 -11.73
CA ALA A 97 4.61 7.77 -13.06
C ALA A 97 5.67 8.87 -13.14
N GLU A 98 5.33 10.05 -12.64
CA GLU A 98 6.29 11.17 -12.66
C GLU A 98 7.48 10.92 -11.76
N LEU A 99 7.22 10.39 -10.56
CA LEU A 99 8.31 10.02 -9.65
C LEU A 99 9.23 8.97 -10.29
N ALA A 100 8.63 7.98 -10.94
CA ALA A 100 9.38 6.90 -11.58
C ALA A 100 10.30 7.47 -12.62
N ARG A 101 9.72 8.31 -13.47
CA ARG A 101 10.48 8.88 -14.59
C ARG A 101 11.51 9.92 -14.18
N SER A 102 11.41 10.44 -12.95
CA SER A 102 12.45 11.33 -12.45
C SER A 102 13.69 10.51 -12.12
N PHE A 103 13.55 9.20 -12.10
CA PHE A 103 14.69 8.30 -11.89
C PHE A 103 15.12 7.57 -13.16
N VAL A 104 14.16 7.08 -13.95
CA VAL A 104 14.55 6.30 -15.13
C VAL A 104 14.48 7.10 -16.45
N GLY A 105 14.10 8.37 -16.37
CA GLY A 105 13.91 9.18 -17.56
C GLY A 105 12.54 8.97 -18.18
N GLN A 106 12.12 9.88 -19.05
CA GLN A 106 10.77 9.82 -19.60
C GLN A 106 10.54 8.57 -20.46
N ASP A 107 11.61 8.05 -21.06
CA ASP A 107 11.51 6.86 -21.90
C ASP A 107 11.80 5.56 -21.15
N GLY A 108 12.11 5.67 -19.86
CA GLY A 108 12.50 4.50 -19.09
C GLY A 108 11.34 3.64 -18.61
N GLN A 109 11.67 2.49 -18.03
CA GLN A 109 10.66 1.62 -17.45
C GLN A 109 11.02 1.25 -16.02
N ILE A 110 10.02 0.82 -15.26
CA ILE A 110 10.24 0.35 -13.89
C ILE A 110 9.55 -0.98 -13.63
N VAL A 111 9.97 -1.63 -12.54
CA VAL A 111 9.23 -2.73 -11.94
C VAL A 111 8.38 -2.09 -10.84
N LEU A 112 7.13 -2.50 -10.69
CA LEU A 112 6.23 -1.81 -9.76
C LEU A 112 5.57 -2.79 -8.81
N GLY A 113 5.66 -2.52 -7.51
CA GLY A 113 5.11 -3.43 -6.52
C GLY A 113 4.26 -2.68 -5.51
N GLY A 114 3.18 -3.31 -5.06
CA GLY A 114 2.28 -2.68 -4.12
C GLY A 114 1.67 -3.62 -3.09
N HIS A 115 1.16 -3.03 -2.01
CA HIS A 115 0.47 -3.78 -0.94
C HIS A 115 -0.71 -2.98 -0.40
N ASP A 116 -1.82 -3.66 -0.08
CA ASP A 116 -3.01 -2.99 0.47
C ASP A 116 -3.48 -1.93 -0.53
N TRP A 117 -3.78 -0.71 -0.10
CA TRP A 117 -4.15 0.33 -1.06
C TRP A 117 -3.08 0.50 -2.12
N GLY A 118 -1.82 0.28 -1.75
CA GLY A 118 -0.75 0.31 -2.72
C GLY A 118 -0.88 -0.70 -3.85
N GLY A 119 -1.44 -1.87 -3.56
CA GLY A 119 -1.72 -2.86 -4.60
C GLY A 119 -2.76 -2.34 -5.58
N ALA A 120 -3.82 -1.73 -5.07
CA ALA A 120 -4.82 -1.10 -5.94
C ALA A 120 -4.15 -0.04 -6.82
N VAL A 121 -3.24 0.75 -6.23
CA VAL A 121 -2.54 1.78 -6.99
C VAL A 121 -1.72 1.16 -8.11
N VAL A 122 -0.97 0.08 -7.84
CA VAL A 122 -0.04 -0.36 -8.89
C VAL A 122 -0.80 -1.04 -10.05
N TRP A 123 -1.93 -1.70 -9.79
CA TRP A 123 -2.73 -2.23 -10.91
C TRP A 123 -3.22 -1.05 -11.76
N ARG A 124 -3.72 0.00 -11.11
CA ARG A 124 -4.17 1.16 -11.88
C ARG A 124 -3.03 1.85 -12.61
N THR A 125 -1.84 1.91 -12.00
CA THR A 125 -0.71 2.58 -12.64
C THR A 125 -0.29 1.81 -13.91
N ALA A 126 -0.34 0.49 -13.84
CA ALA A 126 0.01 -0.37 -14.97
C ALA A 126 -1.03 -0.29 -16.07
N TYR A 127 -2.25 0.04 -15.69
CA TYR A 127 -3.33 0.26 -16.65
C TYR A 127 -3.21 1.63 -17.31
N TYR A 128 -2.99 2.66 -16.50
CA TYR A 128 -2.89 4.03 -17.02
C TYR A 128 -1.55 4.33 -17.69
N HIS A 129 -0.48 3.64 -17.31
CA HIS A 129 0.84 3.93 -17.88
C HIS A 129 1.58 2.67 -18.30
N PRO A 130 1.01 1.91 -19.25
CA PRO A 130 1.67 0.68 -19.66
C PRO A 130 3.04 0.95 -20.30
N GLU A 131 3.28 2.13 -20.87
CA GLU A 131 4.60 2.48 -21.41
C GLU A 131 5.68 2.28 -20.36
N LEU A 132 5.32 2.60 -19.13
CA LEU A 132 6.29 2.74 -18.06
C LEU A 132 6.53 1.44 -17.30
N VAL A 133 5.52 0.58 -17.23
CA VAL A 133 5.56 -0.53 -16.28
C VAL A 133 5.96 -1.83 -16.98
N LYS A 134 7.20 -2.25 -16.72
CA LYS A 134 7.81 -3.43 -17.32
C LYS A 134 7.31 -4.73 -16.68
N ALA A 135 6.99 -4.66 -15.39
CA ALA A 135 6.51 -5.80 -14.64
C ALA A 135 5.86 -5.24 -13.38
N VAL A 136 4.85 -5.91 -12.88
CA VAL A 136 4.07 -5.40 -11.74
C VAL A 136 3.62 -6.52 -10.77
N PHE A 137 3.73 -6.26 -9.48
CA PHE A 137 3.24 -7.24 -8.51
C PHE A 137 2.43 -6.59 -7.39
N SER A 138 1.45 -7.33 -6.88
CA SER A 138 0.72 -6.89 -5.69
C SER A 138 0.75 -7.99 -4.63
N VAL A 139 0.87 -7.57 -3.38
CA VAL A 139 0.77 -8.47 -2.24
C VAL A 139 -0.55 -8.17 -1.53
N CYS A 140 -1.37 -9.23 -1.38
CA CYS A 140 -2.68 -9.20 -0.73
C CYS A 140 -3.81 -8.61 -1.59
N THR A 141 -3.54 -7.58 -2.37
CA THR A 141 -4.62 -6.89 -3.07
C THR A 141 -4.83 -7.40 -4.49
N PRO A 142 -5.94 -8.10 -4.72
CA PRO A 142 -6.23 -8.57 -6.08
C PRO A 142 -6.72 -7.43 -6.96
N LEU A 143 -6.86 -7.72 -8.25
CA LEU A 143 -7.40 -6.76 -9.19
C LEU A 143 -8.90 -6.59 -8.99
N HIS A 144 -9.39 -5.35 -9.03
CA HIS A 144 -10.83 -5.17 -9.13
C HIS A 144 -11.15 -4.53 -10.48
N PRO A 145 -12.28 -4.94 -11.09
CA PRO A 145 -12.67 -4.41 -12.39
C PRO A 145 -12.89 -2.90 -12.35
N LEU A 146 -12.84 -2.27 -13.51
CA LEU A 146 -13.21 -0.86 -13.60
C LEU A 146 -14.66 -0.73 -13.13
N SER A 147 -14.89 0.22 -12.24
CA SER A 147 -16.23 0.51 -11.75
C SER A 147 -17.20 0.79 -12.90
N ALA A 148 -18.35 0.11 -12.89
CA ALA A 148 -19.38 0.36 -13.88
C ALA A 148 -20.50 1.21 -13.29
N GLU A 149 -20.53 1.31 -11.96
CA GLU A 149 -21.54 2.10 -11.27
C GLU A 149 -20.96 2.72 -9.99
N TYR A 150 -21.70 3.66 -9.40
CA TYR A 150 -21.39 4.14 -8.06
C TYR A 150 -22.59 3.99 -7.14
N LYS A 151 -22.42 3.26 -6.05
CA LYS A 151 -23.40 3.23 -4.97
C LYS A 151 -22.68 3.56 -3.67
N PRO A 152 -23.27 4.43 -2.84
CA PRO A 152 -22.67 4.77 -1.54
C PRO A 152 -22.41 3.51 -0.71
N LEU A 153 -21.27 3.43 -0.05
CA LEU A 153 -20.89 2.19 0.63
C LEU A 153 -21.94 1.83 1.70
N GLU A 154 -22.58 2.84 2.28
CA GLU A 154 -23.64 2.63 3.28
C GLU A 154 -24.75 1.76 2.74
N ASP A 155 -25.10 1.98 1.47
CA ASP A 155 -26.22 1.27 0.87
C ASP A 155 -25.79 -0.14 0.50
N ILE A 156 -24.54 -0.28 0.08
CA ILE A 156 -24.04 -1.60 -0.26
C ILE A 156 -24.03 -2.52 0.97
N VAL A 157 -23.51 -2.05 2.10
CA VAL A 157 -23.45 -2.92 3.28
C VAL A 157 -24.84 -3.07 3.91
N ALA A 158 -25.70 -2.07 3.77
CA ALA A 158 -27.07 -2.21 4.32
C ALA A 158 -27.85 -3.28 3.55
N ALA A 159 -27.41 -3.59 2.33
CA ALA A 159 -28.03 -4.65 1.55
C ALA A 159 -27.33 -5.98 1.80
N GLY A 160 -26.32 -5.97 2.67
CA GLY A 160 -25.65 -7.21 3.06
C GLY A 160 -24.46 -7.58 2.19
N HIS A 161 -23.99 -6.63 1.39
CA HIS A 161 -22.84 -6.88 0.51
C HIS A 161 -21.57 -6.16 0.98
N MET A 162 -20.40 -6.66 0.54
CA MET A 162 -19.10 -6.11 0.90
C MET A 162 -18.91 -5.93 2.41
N LEU A 163 -19.37 -6.90 3.19
CA LEU A 163 -19.37 -6.73 4.64
C LEU A 163 -17.96 -6.68 5.23
N ASN A 164 -17.00 -7.34 4.57
CA ASN A 164 -15.64 -7.29 5.09
C ASN A 164 -14.98 -5.92 4.88
N PHE A 165 -15.71 -4.99 4.28
CA PHE A 165 -15.22 -3.62 4.06
C PHE A 165 -15.98 -2.61 4.90
N LYS A 166 -16.86 -3.07 5.78
CA LYS A 166 -17.71 -2.14 6.51
C LYS A 166 -16.89 -1.20 7.41
N TYR A 167 -15.68 -1.61 7.81
CA TYR A 167 -14.84 -0.76 8.65
C TYR A 167 -14.53 0.57 7.95
N GLN A 168 -14.63 0.56 6.62
CA GLN A 168 -14.32 1.75 5.84
C GLN A 168 -15.32 2.88 6.09
N LEU A 169 -16.52 2.54 6.56
CA LEU A 169 -17.48 3.59 6.92
C LEU A 169 -16.94 4.43 8.07
N GLN A 170 -16.41 3.78 9.10
CA GLN A 170 -15.81 4.50 10.22
C GLN A 170 -14.60 5.31 9.80
N LEU A 171 -13.74 4.71 8.97
CA LEU A 171 -12.51 5.38 8.56
C LEU A 171 -12.80 6.66 7.78
N LYS A 172 -13.81 6.63 6.90
CA LYS A 172 -14.08 7.81 6.10
C LYS A 172 -14.82 8.87 6.88
N GLY A 173 -15.48 8.45 7.97
CA GLY A 173 -16.21 9.38 8.81
C GLY A 173 -15.31 10.26 9.67
N PRO A 174 -15.90 10.93 10.68
CA PRO A 174 -15.13 11.82 11.54
C PRO A 174 -14.41 11.14 12.71
N ASP A 175 -14.82 9.94 13.11
CA ASP A 175 -14.44 9.43 14.44
C ASP A 175 -12.95 9.13 14.61
N VAL A 176 -12.36 8.42 13.64
CA VAL A 176 -10.96 8.04 13.83
C VAL A 176 -10.07 9.26 13.72
N GLU A 177 -10.38 10.13 12.76
CA GLU A 177 -9.60 11.33 12.55
C GLU A 177 -9.59 12.20 13.81
N ALA A 178 -10.77 12.37 14.42
CA ALA A 178 -10.89 13.19 15.62
C ALA A 178 -10.23 12.56 16.85
N ARG A 179 -10.42 11.26 17.05
CA ARG A 179 -9.96 10.65 18.30
C ARG A 179 -8.50 10.23 18.30
N ILE A 180 -7.94 9.88 17.14
CA ILE A 180 -6.56 9.42 17.12
C ILE A 180 -5.63 10.56 16.72
N GLN A 181 -5.32 11.41 17.68
CA GLN A 181 -4.42 12.54 17.48
C GLN A 181 -3.31 12.54 18.52
N GLY A 182 -2.10 12.91 18.10
CA GLY A 182 -0.97 12.95 19.00
C GLY A 182 -0.31 11.60 19.14
N LYS A 183 0.94 11.63 19.58
CA LYS A 183 1.77 10.43 19.64
C LYS A 183 1.23 9.32 20.54
N ASP A 184 0.68 9.68 21.69
CA ASP A 184 0.20 8.66 22.61
C ASP A 184 -0.95 7.86 22.04
N MET A 185 -1.91 8.55 21.42
CA MET A 185 -3.02 7.88 20.75
C MET A 185 -2.54 7.14 19.50
N LEU A 186 -1.61 7.75 18.76
CA LEU A 186 -1.06 7.07 17.59
C LEU A 186 -0.40 5.77 18.00
N ARG A 187 0.31 5.79 19.13
CA ARG A 187 0.97 4.59 19.63
C ARG A 187 -0.05 3.48 19.89
N ARG A 188 -1.16 3.82 20.54
CA ARG A 188 -2.18 2.83 20.86
C ARG A 188 -2.84 2.31 19.59
N PHE A 189 -3.15 3.22 18.67
CA PHE A 189 -3.70 2.90 17.36
C PHE A 189 -2.83 1.85 16.64
N PHE A 190 -1.52 2.06 16.64
CA PHE A 190 -0.63 1.12 15.96
C PHE A 190 -0.52 -0.22 16.69
N ARG A 191 -0.59 -0.22 18.03
CA ARG A 191 -0.61 -1.51 18.72
C ARG A 191 -1.87 -2.28 18.33
N ALA A 192 -2.98 -1.55 18.15
CA ALA A 192 -4.23 -2.16 17.71
C ALA A 192 -4.16 -2.66 16.25
N MET A 193 -3.66 -1.81 15.37
CA MET A 193 -3.64 -2.16 13.95
C MET A 193 -2.69 -3.30 13.61
N PHE A 194 -1.65 -3.48 14.43
CA PHE A 194 -0.67 -4.53 14.15
C PHE A 194 -0.79 -5.76 15.04
N GLY A 195 -1.99 -5.99 15.57
CA GLY A 195 -2.32 -7.28 16.16
C GLY A 195 -2.30 -7.34 17.67
N GLY A 196 -2.10 -6.21 18.33
CA GLY A 196 -2.08 -6.17 19.77
C GLY A 196 -3.45 -6.55 20.31
N ARG A 197 -3.50 -7.08 21.51
CA ARG A 197 -4.78 -7.42 22.13
C ARG A 197 -4.83 -6.97 23.58
N GLY A 198 -6.03 -6.77 24.09
CA GLY A 198 -6.23 -6.34 25.47
C GLY A 198 -6.16 -7.51 26.45
N PRO A 199 -6.29 -7.21 27.76
CA PRO A 199 -6.15 -8.19 28.84
C PRO A 199 -7.12 -9.37 28.72
N ASN A 200 -8.25 -9.14 28.06
CA ASN A 200 -9.26 -10.18 27.84
C ASN A 200 -9.36 -10.64 26.40
N GLY A 201 -8.33 -10.34 25.62
CA GLY A 201 -8.27 -10.79 24.24
C GLY A 201 -9.06 -9.94 23.27
N GLU A 202 -9.51 -8.76 23.72
CA GLU A 202 -10.29 -7.90 22.84
C GLU A 202 -9.38 -7.30 21.77
N ALA A 203 -9.86 -7.32 20.53
CA ALA A 203 -9.12 -6.73 19.41
C ALA A 203 -9.34 -5.22 19.35
N GLY A 204 -8.30 -4.49 18.94
CA GLY A 204 -8.39 -3.04 18.84
C GLY A 204 -8.97 -2.60 17.50
N PHE A 205 -9.15 -3.54 16.59
CA PHE A 205 -9.67 -3.28 15.25
C PHE A 205 -10.46 -4.47 14.73
N SER A 206 -11.54 -4.19 13.99
CA SER A 206 -12.25 -5.24 13.28
C SER A 206 -12.69 -4.76 11.90
N THR A 207 -12.84 -5.69 10.97
CA THR A 207 -13.27 -5.33 9.63
C THR A 207 -14.75 -4.95 9.61
N SER A 208 -15.48 -5.30 10.68
CA SER A 208 -16.87 -4.90 10.78
C SER A 208 -17.06 -3.47 11.27
N ASP A 209 -16.35 -3.12 12.35
CA ASP A 209 -16.64 -1.89 13.06
C ASP A 209 -15.49 -0.89 13.07
N GLY A 210 -14.30 -1.33 12.65
CA GLY A 210 -13.15 -0.44 12.59
C GLY A 210 -12.40 -0.37 13.91
N VAL A 211 -11.95 0.83 14.27
CA VAL A 211 -11.10 1.03 15.43
C VAL A 211 -11.98 0.94 16.69
N HIS A 212 -11.64 0.06 17.62
CA HIS A 212 -12.39 -0.05 18.88
C HIS A 212 -11.79 0.86 19.94
N PHE A 213 -12.30 2.09 20.02
CA PHE A 213 -11.67 3.12 20.85
C PHE A 213 -11.56 2.73 22.33
N ASP A 214 -12.60 2.09 22.86
CA ASP A 214 -12.63 1.72 24.27
C ASP A 214 -11.49 0.78 24.67
N VAL A 215 -10.94 0.08 23.69
CA VAL A 215 -9.92 -0.95 23.89
C VAL A 215 -8.50 -0.39 23.93
N LEU A 216 -8.30 0.77 23.32
CA LEU A 216 -6.94 1.23 22.98
C LEU A 216 -5.99 1.39 24.17
N ASP A 217 -6.47 1.99 25.25
CA ASP A 217 -5.67 2.14 26.48
C ASP A 217 -5.13 0.81 27.02
N LYS A 218 -5.90 -0.25 26.80
CA LYS A 218 -5.60 -1.57 27.37
C LYS A 218 -4.89 -2.47 26.37
N ILE A 219 -4.68 -1.98 25.16
CA ILE A 219 -4.11 -2.82 24.11
C ILE A 219 -2.62 -3.05 24.38
N GLY A 220 -2.18 -4.30 24.23
CA GLY A 220 -0.81 -4.68 24.55
C GLY A 220 0.14 -4.57 23.38
N ALA A 221 1.37 -5.03 23.57
CA ALA A 221 2.38 -4.97 22.52
C ALA A 221 2.00 -5.86 21.33
N PRO A 222 2.03 -5.29 20.11
CA PRO A 222 1.72 -6.09 18.92
C PRO A 222 2.81 -7.14 18.67
N PRO A 223 2.40 -8.35 18.29
CA PRO A 223 3.37 -9.39 17.93
C PRO A 223 4.18 -9.05 16.69
N LEU A 224 3.66 -8.15 15.85
CA LEU A 224 4.20 -7.94 14.51
C LEU A 224 5.19 -6.79 14.41
N LEU A 225 5.43 -6.09 15.53
CA LEU A 225 6.43 -5.02 15.58
C LEU A 225 7.29 -5.19 16.83
N ASP A 226 8.58 -4.84 16.76
CA ASP A 226 9.30 -4.66 18.02
C ASP A 226 9.11 -3.21 18.47
N GLU A 227 9.58 -2.89 19.66
CA GLU A 227 9.34 -1.58 20.27
C GLU A 227 9.87 -0.41 19.44
N GLN A 228 11.03 -0.59 18.83
CA GLN A 228 11.67 0.51 18.10
C GLN A 228 10.93 0.79 16.78
N GLU A 229 10.45 -0.26 16.14
CA GLU A 229 9.66 -0.15 14.92
C GLU A 229 8.36 0.58 15.21
N LEU A 230 7.69 0.16 16.29
CA LEU A 230 6.46 0.82 16.72
C LEU A 230 6.68 2.31 16.96
N GLU A 231 7.80 2.66 17.59
CA GLU A 231 8.05 4.07 17.87
C GLU A 231 8.37 4.86 16.59
N TYR A 232 8.96 4.18 15.62
CA TYR A 232 9.28 4.82 14.34
C TYR A 232 7.97 5.14 13.60
N TYR A 233 6.99 4.25 13.67
CA TYR A 233 5.70 4.54 13.05
C TYR A 233 5.04 5.75 13.70
N VAL A 234 5.10 5.81 15.03
CA VAL A 234 4.53 6.93 15.74
C VAL A 234 5.17 8.24 15.34
N GLU A 235 6.49 8.25 15.31
CA GLU A 235 7.24 9.46 14.99
C GLU A 235 7.01 9.90 13.54
N GLN A 236 6.96 8.96 12.61
CA GLN A 236 6.77 9.35 11.21
C GLN A 236 5.35 9.85 10.98
N TYR A 237 4.36 9.21 11.61
CA TYR A 237 2.99 9.67 11.46
C TYR A 237 2.80 11.05 12.11
N ALA A 238 3.58 11.33 13.16
CA ALA A 238 3.48 12.62 13.84
C ALA A 238 4.08 13.76 12.98
N LEU A 239 4.71 13.43 11.86
CA LEU A 239 5.21 14.47 10.95
C LEU A 239 4.05 15.20 10.29
N GLN A 240 2.90 14.52 10.19
CA GLN A 240 1.71 15.14 9.62
C GLN A 240 1.12 16.19 10.56
N GLU A 241 0.50 17.23 10.00
CA GLU A 241 -0.20 18.20 10.84
C GLU A 241 -1.45 17.61 11.49
N ALA A 242 -1.62 17.83 12.79
CA ALA A 242 -2.81 17.36 13.49
C ALA A 242 -4.07 17.99 12.89
N PRO A 243 -5.15 17.21 12.74
CA PRO A 243 -5.33 15.77 12.99
C PRO A 243 -4.49 14.91 12.05
N GLU A 244 -3.58 14.11 12.60
CA GLU A 244 -2.52 13.49 11.82
C GLU A 244 -3.01 12.44 10.84
N LEU A 245 -4.18 11.84 11.11
CA LEU A 245 -4.66 10.76 10.25
C LEU A 245 -5.52 11.26 9.10
N ARG A 246 -5.66 12.58 8.94
CA ARG A 246 -6.50 13.11 7.86
C ARG A 246 -6.03 12.59 6.50
N GLY A 247 -4.74 12.74 6.23
CA GLY A 247 -4.14 12.27 4.98
C GLY A 247 -4.37 10.79 4.72
N PRO A 248 -3.93 9.93 5.66
CA PRO A 248 -4.14 8.48 5.48
C PRO A 248 -5.63 8.15 5.32
N LEU A 249 -6.50 8.78 6.11
CA LEU A 249 -7.93 8.44 6.01
C LEU A 249 -8.56 8.94 4.70
N ASN A 250 -7.95 9.92 4.03
CA ASN A 250 -8.50 10.39 2.77
C ASN A 250 -8.55 9.30 1.69
N TRP A 251 -7.72 8.28 1.83
CA TRP A 251 -7.79 7.12 0.94
C TRP A 251 -9.12 6.36 0.99
N TYR A 252 -9.91 6.59 2.05
CA TYR A 252 -11.21 5.94 2.16
C TYR A 252 -12.36 6.86 1.76
N ARG A 253 -12.00 8.07 1.31
CA ARG A 253 -12.99 9.09 1.02
C ARG A 253 -13.16 9.35 -0.48
N THR A 254 -12.57 8.49 -1.29
CA THR A 254 -12.53 8.69 -2.75
C THR A 254 -13.40 7.75 -3.59
N ARG A 255 -14.30 6.98 -2.97
CA ARG A 255 -15.01 5.99 -3.76
C ARG A 255 -15.81 6.61 -4.91
N GLU A 256 -16.47 7.74 -4.65
CA GLU A 256 -17.28 8.37 -5.69
C GLU A 256 -16.38 8.95 -6.78
N LEU A 257 -15.32 9.64 -6.38
CA LEU A 257 -14.38 10.19 -7.36
C LEU A 257 -13.70 9.11 -8.21
N ASN A 258 -13.31 8.01 -7.60
CA ASN A 258 -12.71 6.90 -8.33
C ASN A 258 -13.71 6.29 -9.29
N ALA A 259 -14.96 6.13 -8.83
CA ALA A 259 -15.98 5.53 -9.66
C ALA A 259 -16.28 6.40 -10.87
N LYS A 260 -16.24 7.71 -10.70
CA LYS A 260 -16.44 8.63 -11.83
C LYS A 260 -15.34 8.49 -12.90
N ASP A 261 -14.08 8.43 -12.47
CA ASP A 261 -12.97 8.18 -13.38
C ASP A 261 -13.11 6.85 -14.12
N GLU A 262 -13.50 5.81 -13.40
CA GLU A 262 -13.43 4.47 -13.97
C GLU A 262 -14.66 4.11 -14.80
N MET A 263 -15.82 4.71 -14.49
CA MET A 263 -17.01 4.53 -15.32
C MET A 263 -16.72 5.09 -16.70
N ASP A 264 -15.98 6.20 -16.72
CA ASP A 264 -15.54 6.79 -17.96
C ASP A 264 -14.65 5.84 -18.75
N ARG A 265 -13.68 5.21 -18.09
CA ARG A 265 -12.76 4.29 -18.77
CA ARG A 265 -12.77 4.32 -18.81
C ARG A 265 -13.47 3.00 -19.14
N ALA A 266 -14.46 2.61 -18.34
CA ALA A 266 -15.22 1.40 -18.62
C ALA A 266 -16.01 1.58 -19.92
N LYS A 267 -16.53 2.78 -20.12
CA LYS A 267 -17.31 3.10 -21.31
C LYS A 267 -16.43 3.46 -22.52
N ASN A 268 -15.43 4.31 -22.30
CA ASN A 268 -14.67 4.90 -23.41
C ASN A 268 -13.24 4.41 -23.58
N GLY A 269 -12.59 4.09 -22.47
CA GLY A 269 -11.17 3.78 -22.49
C GLY A 269 -10.91 2.31 -22.78
N PRO A 270 -9.62 1.93 -22.81
CA PRO A 270 -9.22 0.55 -23.08
C PRO A 270 -9.69 -0.40 -21.99
N PRO A 271 -9.86 -1.69 -22.33
CA PRO A 271 -10.28 -2.62 -21.29
C PRO A 271 -9.14 -2.87 -20.29
N LEU A 272 -9.50 -3.31 -19.08
CA LEU A 272 -8.49 -3.72 -18.12
C LEU A 272 -7.75 -4.93 -18.68
N ARG A 273 -6.51 -4.73 -19.10
CA ARG A 273 -5.73 -5.80 -19.69
C ARG A 273 -4.26 -5.57 -19.41
N PHE A 274 -3.61 -6.53 -18.79
CA PHE A 274 -2.20 -6.41 -18.47
C PHE A 274 -1.38 -7.34 -19.36
N GLU A 275 -0.63 -6.75 -20.29
CA GLU A 275 0.22 -7.52 -21.18
C GLU A 275 1.54 -7.88 -20.51
N MET A 276 2.00 -7.01 -19.60
CA MET A 276 3.31 -7.20 -18.97
C MET A 276 3.26 -8.27 -17.90
N PRO A 277 4.42 -8.86 -17.55
CA PRO A 277 4.44 -9.90 -16.52
C PRO A 277 3.91 -9.37 -15.19
N ALA A 278 3.05 -10.16 -14.55
CA ALA A 278 2.41 -9.74 -13.30
C ALA A 278 2.43 -10.85 -12.24
N LEU A 279 2.53 -10.45 -10.98
CA LEU A 279 2.50 -11.39 -9.87
C LEU A 279 1.49 -10.97 -8.81
N PHE A 280 0.67 -11.92 -8.35
CA PHE A 280 -0.20 -11.65 -7.22
C PHE A 280 0.18 -12.60 -6.10
N VAL A 281 0.52 -12.04 -4.94
CA VAL A 281 0.82 -12.86 -3.78
C VAL A 281 -0.32 -12.76 -2.78
N ALA A 282 -1.05 -13.86 -2.60
CA ALA A 282 -2.15 -13.90 -1.65
C ALA A 282 -1.64 -14.24 -0.25
N ALA A 283 -2.36 -13.80 0.77
CA ALA A 283 -2.03 -14.11 2.14
C ALA A 283 -3.11 -14.99 2.75
N SER A 284 -2.72 -16.19 3.19
CA SER A 284 -3.67 -17.20 3.64
C SER A 284 -4.61 -16.72 4.74
N LYS A 285 -4.05 -16.03 5.73
CA LYS A 285 -4.84 -15.59 6.89
C LYS A 285 -5.30 -14.15 6.77
N ASP A 286 -5.57 -13.69 5.55
CA ASP A 286 -5.93 -12.28 5.36
C ASP A 286 -7.42 -12.04 5.55
N ASN A 287 -7.72 -11.32 6.62
CA ASN A 287 -9.08 -10.98 7.04
C ASN A 287 -9.77 -10.01 6.09
N ALA A 288 -9.08 -8.90 5.85
CA ALA A 288 -9.61 -7.77 5.10
C ALA A 288 -9.69 -8.09 3.62
N LEU A 289 -8.71 -8.87 3.14
CA LEU A 289 -8.59 -9.23 1.74
C LEU A 289 -8.41 -10.74 1.56
N PRO A 290 -9.46 -11.53 1.86
CA PRO A 290 -9.37 -12.99 1.73
C PRO A 290 -9.07 -13.45 0.31
N PRO A 291 -8.20 -14.45 0.13
CA PRO A 291 -7.81 -14.95 -1.19
C PRO A 291 -8.99 -15.28 -2.12
N ALA A 292 -10.12 -15.70 -1.56
CA ALA A 292 -11.31 -16.02 -2.35
C ALA A 292 -11.74 -14.85 -3.23
N MET A 293 -11.37 -13.65 -2.80
CA MET A 293 -11.72 -12.40 -3.47
C MET A 293 -11.06 -12.23 -4.85
N SER A 294 -10.02 -12.99 -5.13
CA SER A 294 -9.32 -12.88 -6.41
C SER A 294 -9.90 -13.85 -7.44
N LYS A 295 -11.15 -14.26 -7.22
CA LYS A 295 -11.89 -15.23 -8.04
C LYS A 295 -11.42 -15.40 -9.49
N GLY A 296 -11.97 -14.60 -10.40
CA GLY A 296 -11.66 -14.75 -11.81
C GLY A 296 -10.64 -13.75 -12.32
N MET A 297 -9.64 -13.45 -11.50
CA MET A 297 -8.63 -12.45 -11.80
C MET A 297 -7.82 -12.77 -13.06
N ASP A 298 -7.52 -14.05 -13.28
CA ASP A 298 -6.61 -14.47 -14.34
C ASP A 298 -7.02 -14.04 -15.75
N ALA A 299 -8.31 -13.79 -15.96
CA ALA A 299 -8.81 -13.47 -17.30
C ALA A 299 -8.25 -12.15 -17.83
N PHE A 300 -7.82 -11.28 -16.92
CA PHE A 300 -7.34 -9.95 -17.30
C PHE A 300 -5.86 -9.89 -17.62
N TYR A 301 -5.17 -11.01 -17.55
CA TYR A 301 -3.71 -11.01 -17.67
C TYR A 301 -3.20 -11.90 -18.79
N LYS A 302 -2.22 -11.40 -19.54
CA LYS A 302 -1.49 -12.21 -20.49
C LYS A 302 -0.58 -13.18 -19.75
N ASP A 303 -0.06 -12.74 -18.60
CA ASP A 303 1.01 -13.46 -17.93
C ASP A 303 1.00 -13.23 -16.42
N LEU A 304 0.00 -13.79 -15.74
CA LEU A 304 -0.10 -13.63 -14.30
C LEU A 304 0.48 -14.84 -13.58
N THR A 305 1.35 -14.59 -12.60
CA THR A 305 1.82 -15.63 -11.71
C THR A 305 1.16 -15.47 -10.35
N ARG A 306 0.53 -16.55 -9.87
CA ARG A 306 -0.05 -16.54 -8.54
C ARG A 306 0.88 -17.19 -7.54
N ALA A 307 0.88 -16.67 -6.33
CA ALA A 307 1.58 -17.31 -5.24
C ALA A 307 0.78 -17.13 -3.97
N GLU A 308 1.19 -17.81 -2.93
CA GLU A 308 0.52 -17.68 -1.65
C GLU A 308 1.52 -17.88 -0.54
N VAL A 309 1.38 -17.10 0.53
CA VAL A 309 2.24 -17.23 1.70
C VAL A 309 1.34 -17.30 2.92
N ASP A 310 1.76 -18.05 3.94
CA ASP A 310 0.95 -18.17 5.14
C ASP A 310 1.26 -17.02 6.07
N ALA A 311 0.37 -16.04 6.10
CA ALA A 311 0.54 -14.84 6.89
C ALA A 311 -0.79 -14.11 7.01
N THR A 312 -0.85 -13.16 7.94
CA THR A 312 -1.97 -12.23 8.00
C THR A 312 -1.84 -11.19 6.89
N HIS A 313 -2.61 -10.11 7.01
CA HIS A 313 -2.52 -8.98 6.10
C HIS A 313 -1.09 -8.43 6.04
N TRP A 314 -0.40 -8.45 7.18
CA TRP A 314 0.92 -7.87 7.29
C TRP A 314 2.01 -8.82 6.81
N ALA A 315 1.83 -9.32 5.58
CA ALA A 315 2.65 -10.39 5.05
C ALA A 315 4.05 -9.92 4.69
N LEU A 316 4.20 -8.64 4.35
CA LEU A 316 5.51 -8.10 3.96
C LEU A 316 6.55 -8.28 5.08
N THR A 317 6.07 -8.24 6.32
CA THR A 317 6.96 -8.27 7.48
C THR A 317 6.91 -9.65 8.16
N GLN A 318 5.70 -10.10 8.48
CA GLN A 318 5.48 -11.37 9.17
C GLN A 318 6.03 -12.56 8.37
N ALA A 319 6.00 -12.43 7.04
CA ALA A 319 6.54 -13.46 6.17
C ALA A 319 7.50 -12.85 5.17
N GLY A 320 8.35 -11.96 5.67
CA GLY A 320 9.23 -11.19 4.82
C GLY A 320 10.12 -12.04 3.92
N ASP A 321 10.77 -13.03 4.51
CA ASP A 321 11.72 -13.86 3.78
C ASP A 321 11.05 -14.67 2.67
N GLU A 322 9.87 -15.20 2.96
CA GLU A 322 9.11 -15.95 1.97
C GLU A 322 8.62 -15.04 0.84
N VAL A 323 8.09 -13.88 1.20
CA VAL A 323 7.64 -12.89 0.21
C VAL A 323 8.82 -12.48 -0.67
N ASN A 324 9.97 -12.25 -0.06
CA ASN A 324 11.18 -11.92 -0.81
C ASN A 324 11.55 -13.01 -1.82
N ARG A 325 11.45 -14.27 -1.42
CA ARG A 325 11.80 -15.37 -2.31
C ARG A 325 10.84 -15.45 -3.49
N VAL A 326 9.54 -15.32 -3.20
CA VAL A 326 8.52 -15.37 -4.24
C VAL A 326 8.76 -14.28 -5.28
N ILE A 327 9.04 -13.07 -4.81
CA ILE A 327 9.27 -11.94 -5.69
C ILE A 327 10.55 -12.13 -6.49
N GLY A 328 11.61 -12.54 -5.81
CA GLY A 328 12.91 -12.76 -6.43
C GLY A 328 12.83 -13.74 -7.60
N GLU A 329 12.22 -14.90 -7.36
CA GLU A 329 12.07 -15.93 -8.39
C GLU A 329 11.22 -15.44 -9.55
N TRP A 330 10.11 -14.78 -9.26
CA TRP A 330 9.25 -14.25 -10.31
C TRP A 330 9.96 -13.19 -11.13
N LEU A 331 10.65 -12.29 -10.45
CA LEU A 331 11.38 -11.21 -11.12
C LEU A 331 12.45 -11.77 -12.03
N ASN A 332 13.08 -12.85 -11.60
CA ASN A 332 14.11 -13.49 -12.40
C ASN A 332 13.54 -14.01 -13.72
N LYS A 333 12.41 -14.68 -13.63
CA LYS A 333 11.71 -15.18 -14.82
C LYS A 333 11.15 -14.05 -15.68
N ALA A 334 10.52 -13.08 -15.04
CA ALA A 334 9.89 -11.96 -15.75
C ALA A 334 10.89 -11.11 -16.53
N LEU A 335 12.11 -10.99 -16.01
CA LEU A 335 13.10 -10.14 -16.66
C LEU A 335 14.03 -10.95 -17.58
N GLY A 336 14.13 -12.25 -17.34
CA GLY A 336 15.01 -13.11 -18.10
C GLY A 336 14.26 -14.01 -19.06
OAA 8LD B . 12.79 11.76 2.84
CAC 8LD B . 12.15 10.86 3.69
CAE 8LD B . 11.54 10.17 4.46
OAG 8LD B . 10.74 9.53 5.43
CAF 8LD B . 10.92 8.18 5.72
CAD 8LD B . 11.09 7.04 6.02
OAB 8LD B . 11.34 5.69 6.37
#